data_9CHW
#
_entry.id   9CHW
#
_cell.length_a   98.686
_cell.length_b   98.686
_cell.length_c   82.062
_cell.angle_alpha   90.00
_cell.angle_beta   90.00
_cell.angle_gamma   120.00
#
_symmetry.space_group_name_H-M   'P 61'
#
loop_
_entity.id
_entity.type
_entity.pdbx_description
1 polymer 'DNA polymerase eta'
2 polymer "DNA (5'-D(*CP*AP*TP*(TFT)P*AP*TP*GP*AP*CP*GP*CP*T)-3')"
3 polymer "DNA (5'-D(*AP*GP*CP*GP*TP*CP*AP*T)-3')"
4 non-polymer "2'-deoxy-5'-O-[(R)-hydroxy{[(R)-hydroxy(phosphonooxy)phosphoryl]amino}phosphoryl]adenosine"
5 non-polymer 'MAGNESIUM ION'
6 non-polymer GLYCEROL
7 water water
#
loop_
_entity_poly.entity_id
_entity_poly.type
_entity_poly.pdbx_seq_one_letter_code
_entity_poly.pdbx_strand_id
1 'polypeptide(L)'
;GPHMATGQDRVVALVDMDCFFVQVEQRQNPHLRNKPCAVVQYKSWKGGGIIAVSYEARAFGVTRSMWADDAKKLCPDLLL
AQVRESRGKANLTKYREASVEVMEIMSRFAVIERASIDEAYVDLTSAVQERLQKLQGQPISADLLPSTYIEGLPQGPTTA
EETVQKEGMRKQGLFQWLDSLQIDNLTSPDLQLTVGAVIVEEMRAAIERETGFQCSAGISHNKVLAKLACGLNKPNRQTL
VSHGSVPQLFSQMPIRKIRSLGGKLGASVIEILGIEYMGELTQFTESQLQSHFGEKNGSWLYAMCRGIEHDPVKPRQLPK
TIGCSKNFPGKTALATREQVQWWLLQLAQELEERLTKDRNDNDRVATQLVVSIRVQGDKRLSSLRRCCALTRYDAHKMSH
DAFTVIKNCNTSGIQTEWSPPLTMLFLCATKFSAS
;
A
2 'polydeoxyribonucleotide' (DC)(DA)(DT)(TFT)(DA)(DT)(DG)(DA)(DC)(DG)(DC)(DT) T
3 'polydeoxyribonucleotide' (DA)(DG)(DC)(DG)(DT)(DC)(DA)(DT) P
#
loop_
_chem_comp.id
_chem_comp.type
_chem_comp.name
_chem_comp.formula
DA DNA linking 2'-DEOXYADENOSINE-5'-MONOPHOSPHATE 'C10 H14 N5 O6 P'
DC DNA linking 2'-DEOXYCYTIDINE-5'-MONOPHOSPHATE 'C9 H14 N3 O7 P'
DG DNA linking 2'-DEOXYGUANOSINE-5'-MONOPHOSPHATE 'C10 H14 N5 O7 P'
DT DNA linking THYMIDINE-5'-MONOPHOSPHATE 'C10 H15 N2 O8 P'
DZ4 non-polymer 2'-deoxy-5'-O-[(R)-hydroxy{[(R)-hydroxy(phosphonooxy)phosphoryl]amino}phosphoryl]adenosine 'C10 H17 N6 O11 P3'
GOL non-polymer GLYCEROL 'C3 H8 O3'
MG non-polymer 'MAGNESIUM ION' 'Mg 2'
TFT DNA linking (L)-ALPHA-THREOFURANOSYL-THYMINE-3'-MONOPHOSPHATE 'C9 H13 N2 O8 P'
#
# COMPACT_ATOMS: atom_id res chain seq x y z
N GLY A 1 -12.52 -33.59 2.92
CA GLY A 1 -13.92 -33.39 3.26
C GLY A 1 -14.14 -32.75 4.62
N PRO A 2 -14.44 -33.58 5.63
CA PRO A 2 -14.72 -33.03 6.97
C PRO A 2 -13.53 -32.32 7.61
N HIS A 3 -12.30 -32.69 7.24
CA HIS A 3 -11.10 -32.22 7.89
C HIS A 3 -10.28 -31.25 7.05
N MET A 4 -10.74 -30.89 5.86
CA MET A 4 -10.01 -29.95 5.01
C MET A 4 -10.42 -28.52 5.38
N ALA A 5 -9.48 -27.75 5.92
CA ALA A 5 -9.76 -26.36 6.24
C ALA A 5 -9.93 -25.55 4.96
N THR A 6 -10.85 -24.60 5.00
CA THR A 6 -11.22 -23.84 3.81
C THR A 6 -10.76 -22.39 3.87
N GLY A 7 -10.02 -21.99 4.91
CA GLY A 7 -9.58 -20.61 5.01
C GLY A 7 -10.72 -19.62 5.14
N GLN A 8 -11.72 -19.95 5.96
CA GLN A 8 -12.92 -19.14 6.09
C GLN A 8 -13.12 -18.66 7.52
N ASP A 9 -12.07 -18.73 8.34
CA ASP A 9 -12.13 -18.42 9.77
C ASP A 9 -12.19 -16.91 10.06
N ARG A 10 -11.69 -16.05 9.19
CA ARG A 10 -11.60 -14.63 9.51
C ARG A 10 -12.42 -13.81 8.52
N VAL A 11 -12.75 -12.59 8.94
CA VAL A 11 -13.16 -11.54 8.02
C VAL A 11 -12.07 -10.48 8.05
N VAL A 12 -11.46 -10.23 6.90
CA VAL A 12 -10.36 -9.27 6.78
C VAL A 12 -10.72 -8.29 5.68
N ALA A 13 -10.47 -7.02 5.91
CA ALA A 13 -10.69 -5.98 4.92
C ALA A 13 -9.37 -5.26 4.64
N LEU A 14 -9.25 -4.76 3.41
CA LEU A 14 -8.18 -3.85 3.03
C LEU A 14 -8.83 -2.57 2.50
N VAL A 15 -8.57 -1.45 3.18
CA VAL A 15 -9.07 -0.16 2.75
C VAL A 15 -7.92 0.62 2.11
N ASP A 16 -8.14 1.16 0.92
CA ASP A 16 -7.11 1.89 0.21
C ASP A 16 -7.68 3.18 -0.36
N MET A 17 -7.07 4.32 -0.01
CA MET A 17 -7.57 5.60 -0.48
C MET A 17 -7.46 5.71 -1.99
N ASP A 18 -8.46 6.34 -2.61
CA ASP A 18 -8.43 6.61 -4.04
C ASP A 18 -7.56 7.81 -4.35
N CYS A 19 -6.71 7.68 -5.38
CA CYS A 19 -5.70 8.67 -5.77
C CYS A 19 -5.35 9.60 -4.61
N PHE A 20 -4.70 9.03 -3.60
CA PHE A 20 -4.66 9.62 -2.25
C PHE A 20 -4.02 11.01 -2.25
N PHE A 21 -2.81 11.16 -2.78
CA PHE A 21 -2.19 12.48 -2.70
C PHE A 21 -3.00 13.52 -3.48
N VAL A 22 -3.65 13.12 -4.57
CA VAL A 22 -4.50 14.05 -5.32
C VAL A 22 -5.66 14.53 -4.46
N GLN A 23 -6.34 13.59 -3.78
CA GLN A 23 -7.45 13.97 -2.89
C GLN A 23 -6.99 14.91 -1.78
N VAL A 24 -5.81 14.65 -1.21
CA VAL A 24 -5.26 15.56 -0.20
C VAL A 24 -5.13 16.97 -0.78
N GLU A 25 -4.56 17.08 -1.99
CA GLU A 25 -4.38 18.39 -2.60
C GLU A 25 -5.71 19.01 -3.01
N GLN A 26 -6.67 18.18 -3.44
CA GLN A 26 -7.99 18.69 -3.85
C GLN A 26 -8.81 19.17 -2.66
N ARG A 27 -8.70 18.49 -1.53
CA ARG A 27 -9.34 19.01 -0.33
C ARG A 27 -8.85 20.41 -0.02
N GLN A 28 -7.53 20.59 -0.05
CA GLN A 28 -6.93 21.87 0.31
C GLN A 28 -7.24 22.96 -0.71
N ASN A 29 -7.31 22.61 -2.00
CA ASN A 29 -7.48 23.57 -3.08
C ASN A 29 -8.72 23.21 -3.89
N PRO A 30 -9.87 23.79 -3.56
CA PRO A 30 -11.11 23.45 -4.29
C PRO A 30 -11.05 23.60 -5.80
N HIS A 31 -10.14 24.42 -6.34
CA HIS A 31 -10.04 24.57 -7.80
C HIS A 31 -9.60 23.28 -8.49
N LEU A 32 -8.99 22.34 -7.78
CA LEU A 32 -8.51 21.08 -8.36
C LEU A 32 -9.56 19.98 -8.35
N ARG A 33 -10.69 20.19 -7.66
CA ARG A 33 -11.71 19.14 -7.48
C ARG A 33 -12.47 18.88 -8.77
N ASN A 34 -12.79 17.61 -9.01
CA ASN A 34 -13.55 17.21 -10.21
C ASN A 34 -12.84 17.63 -11.48
N LYS A 35 -11.52 17.42 -11.51
CA LYS A 35 -10.70 17.84 -12.63
C LYS A 35 -9.66 16.77 -12.90
N PRO A 36 -9.18 16.67 -14.14
CA PRO A 36 -7.96 15.91 -14.38
C PRO A 36 -6.80 16.60 -13.68
N CYS A 37 -6.19 15.91 -12.73
N CYS A 37 -6.17 15.87 -12.76
CA CYS A 37 -5.10 16.54 -12.00
CA CYS A 37 -5.21 16.43 -11.82
C CYS A 37 -4.18 15.48 -11.42
C CYS A 37 -4.13 15.40 -11.55
N ALA A 38 -2.93 15.88 -11.20
CA ALA A 38 -1.88 14.99 -10.75
C ALA A 38 -1.05 15.73 -9.73
N VAL A 39 -0.37 14.96 -8.89
CA VAL A 39 0.60 15.48 -7.93
C VAL A 39 1.97 15.18 -8.50
N VAL A 40 2.82 16.21 -8.54
CA VAL A 40 4.09 16.13 -9.24
C VAL A 40 5.20 16.45 -8.25
N GLN A 41 6.35 15.84 -8.46
CA GLN A 41 7.49 15.96 -7.56
C GLN A 41 8.64 16.58 -8.34
N TYR A 42 9.15 17.71 -7.83
CA TYR A 42 10.16 18.54 -8.50
C TYR A 42 9.59 19.08 -9.81
N LYS A 43 10.42 19.69 -10.66
CA LYS A 43 9.87 20.48 -11.76
C LYS A 43 10.86 20.66 -12.92
N SER A 44 12.14 20.81 -12.59
CA SER A 44 13.09 21.25 -13.61
C SER A 44 13.29 20.18 -14.68
N TRP A 45 13.33 18.91 -14.30
CA TRP A 45 13.56 17.84 -15.28
C TRP A 45 12.21 17.38 -15.82
N LYS A 46 11.91 17.79 -17.06
CA LYS A 46 10.73 17.35 -17.82
C LYS A 46 9.43 17.68 -17.10
N GLY A 47 9.43 18.77 -16.35
CA GLY A 47 8.27 19.20 -15.61
C GLY A 47 8.04 18.48 -14.31
N GLY A 48 8.93 17.57 -13.91
CA GLY A 48 8.74 16.83 -12.69
C GLY A 48 8.04 15.50 -12.92
N GLY A 49 8.17 14.61 -11.93
CA GLY A 49 7.68 13.25 -12.05
C GLY A 49 6.35 13.12 -11.34
N ILE A 50 5.40 12.47 -12.00
CA ILE A 50 4.06 12.34 -11.46
C ILE A 50 4.01 11.14 -10.51
N ILE A 51 3.42 11.33 -9.33
CA ILE A 51 3.30 10.24 -8.37
C ILE A 51 1.87 9.91 -7.99
N ALA A 52 0.87 10.69 -8.42
CA ALA A 52 -0.53 10.35 -8.18
C ALA A 52 -1.40 11.05 -9.20
N VAL A 53 -2.48 10.39 -9.62
CA VAL A 53 -3.25 10.78 -10.79
C VAL A 53 -4.73 10.64 -10.47
N SER A 54 -5.50 11.72 -10.66
CA SER A 54 -6.95 11.62 -10.47
C SER A 54 -7.55 10.73 -11.55
N TYR A 55 -8.73 10.16 -11.25
CA TYR A 55 -9.34 9.24 -12.20
C TYR A 55 -9.79 9.95 -13.48
N GLU A 56 -10.08 11.26 -13.42
CA GLU A 56 -10.36 11.99 -14.66
C GLU A 56 -9.13 12.06 -15.55
N ALA A 57 -7.95 12.21 -14.96
CA ALA A 57 -6.74 12.31 -15.78
C ALA A 57 -6.26 10.95 -16.26
N ARG A 58 -6.53 9.87 -15.48
CA ARG A 58 -6.20 8.52 -15.95
C ARG A 58 -6.93 8.20 -17.25
N ALA A 59 -8.15 8.73 -17.43
CA ALA A 59 -8.89 8.50 -18.66
C ALA A 59 -8.14 9.01 -19.89
N PHE A 60 -7.24 9.98 -19.72
CA PHE A 60 -6.37 10.44 -20.79
C PHE A 60 -5.07 9.63 -20.92
N GLY A 61 -4.84 8.65 -20.05
CA GLY A 61 -3.60 7.89 -20.09
C GLY A 61 -2.49 8.38 -19.17
N VAL A 62 -2.76 9.38 -18.33
CA VAL A 62 -1.76 9.86 -17.38
C VAL A 62 -1.54 8.79 -16.32
N THR A 63 -0.27 8.52 -15.99
CA THR A 63 0.06 7.50 -15.00
C THR A 63 1.16 8.00 -14.07
N ARG A 64 1.21 7.37 -12.90
CA ARG A 64 2.37 7.44 -12.01
C ARG A 64 3.64 7.10 -12.77
N SER A 65 4.72 7.83 -12.46
CA SER A 65 6.07 7.76 -13.02
C SER A 65 6.18 8.52 -14.33
N MET A 66 5.07 8.94 -14.94
CA MET A 66 5.13 9.79 -16.11
C MET A 66 5.71 11.16 -15.75
N TRP A 67 6.54 11.70 -16.66
CA TRP A 67 6.96 13.09 -16.57
C TRP A 67 5.77 14.02 -16.85
N ALA A 68 5.71 15.14 -16.13
CA ALA A 68 4.60 16.07 -16.29
C ALA A 68 4.54 16.64 -17.71
N ASP A 69 5.71 16.90 -18.31
CA ASP A 69 5.72 17.39 -19.69
C ASP A 69 5.09 16.36 -20.63
N ASP A 70 5.34 15.08 -20.39
CA ASP A 70 4.73 14.04 -21.22
C ASP A 70 3.26 13.86 -20.91
N ALA A 71 2.87 13.99 -19.63
CA ALA A 71 1.46 13.92 -19.26
C ALA A 71 0.66 15.02 -19.94
N LYS A 72 1.24 16.21 -20.08
CA LYS A 72 0.55 17.33 -20.71
C LYS A 72 0.32 17.08 -22.21
N LYS A 73 1.18 16.26 -22.84
CA LYS A 73 0.95 15.86 -24.22
C LYS A 73 -0.31 15.01 -24.36
N LEU A 74 -0.56 14.14 -23.37
CA LEU A 74 -1.79 13.35 -23.35
C LEU A 74 -2.98 14.18 -22.91
N CYS A 75 -2.77 15.15 -22.03
CA CYS A 75 -3.86 15.82 -21.33
C CYS A 75 -3.47 17.27 -21.13
N PRO A 76 -3.74 18.11 -22.13
CA PRO A 76 -3.26 19.50 -22.07
C PRO A 76 -3.88 20.33 -20.96
N ASP A 77 -5.08 19.99 -20.51
CA ASP A 77 -5.72 20.71 -19.41
C ASP A 77 -5.35 20.18 -18.04
N LEU A 78 -4.42 19.22 -17.96
CA LEU A 78 -4.07 18.61 -16.70
C LEU A 78 -3.65 19.67 -15.69
N LEU A 79 -4.26 19.62 -14.50
CA LEU A 79 -3.84 20.49 -13.41
C LEU A 79 -2.83 19.75 -12.53
N LEU A 80 -1.88 20.50 -11.98
CA LEU A 80 -0.78 19.90 -11.25
C LEU A 80 -0.68 20.52 -9.85
N ALA A 81 -0.48 19.67 -8.85
CA ALA A 81 -0.07 20.10 -7.53
C ALA A 81 1.32 19.55 -7.26
N GLN A 82 2.17 20.39 -6.65
CA GLN A 82 3.57 20.08 -6.44
C GLN A 82 3.78 19.63 -5.00
N VAL A 83 4.57 18.57 -4.83
CA VAL A 83 4.98 18.16 -3.50
C VAL A 83 5.82 19.27 -2.89
N ARG A 84 5.59 19.56 -1.62
CA ARG A 84 6.42 20.56 -0.94
C ARG A 84 7.89 20.13 -0.97
N GLU A 85 8.78 21.12 -1.06
CA GLU A 85 10.21 20.90 -1.02
CA GLU A 85 10.22 20.91 -1.03
C GLU A 85 10.78 21.61 0.21
N SER A 86 11.55 20.88 1.00
CA SER A 86 12.19 21.42 2.19
C SER A 86 13.60 20.88 2.24
N ARG A 87 14.57 21.76 2.55
CA ARG A 87 15.97 21.36 2.63
C ARG A 87 16.46 20.71 1.34
N GLY A 88 15.94 21.19 0.21
CA GLY A 88 16.34 20.70 -1.09
C GLY A 88 15.76 19.37 -1.50
N LYS A 89 14.76 18.84 -0.80
CA LYS A 89 14.19 17.56 -1.16
C LYS A 89 12.68 17.59 -0.99
N ALA A 90 12.03 16.59 -1.58
CA ALA A 90 10.60 16.41 -1.37
C ALA A 90 10.32 16.16 0.10
N ASN A 91 9.22 16.76 0.58
CA ASN A 91 8.81 16.71 1.98
C ASN A 91 7.36 16.21 1.99
N LEU A 92 7.16 15.02 2.52
CA LEU A 92 5.87 14.33 2.40
C LEU A 92 4.99 14.50 3.63
N THR A 93 5.27 15.48 4.49
N THR A 93 5.29 15.48 4.50
CA THR A 93 4.55 15.56 5.76
CA THR A 93 4.56 15.66 5.76
C THR A 93 3.04 15.71 5.57
C THR A 93 3.06 15.68 5.54
N LYS A 94 2.61 16.53 4.61
CA LYS A 94 1.17 16.74 4.44
C LYS A 94 0.43 15.43 4.21
N TYR A 95 1.04 14.51 3.47
CA TYR A 95 0.38 13.24 3.17
C TYR A 95 0.47 12.27 4.35
N ARG A 96 1.61 12.27 5.07
CA ARG A 96 1.70 11.45 6.28
C ARG A 96 0.64 11.86 7.29
N GLU A 97 0.41 13.16 7.42
CA GLU A 97 -0.58 13.65 8.38
C GLU A 97 -1.99 13.34 7.93
N ALA A 98 -2.28 13.47 6.62
CA ALA A 98 -3.59 13.05 6.14
C ALA A 98 -3.80 11.54 6.34
N SER A 99 -2.72 10.76 6.21
CA SER A 99 -2.80 9.33 6.46
C SER A 99 -3.18 9.05 7.91
N VAL A 100 -2.58 9.77 8.86
CA VAL A 100 -2.92 9.61 10.26
C VAL A 100 -4.41 9.90 10.50
N GLU A 101 -4.95 10.94 9.85
CA GLU A 101 -6.38 11.21 9.96
C GLU A 101 -7.20 9.98 9.61
N VAL A 102 -6.85 9.31 8.51
CA VAL A 102 -7.61 8.15 8.06
C VAL A 102 -7.42 6.98 9.01
N MET A 103 -6.18 6.71 9.40
CA MET A 103 -5.90 5.54 10.24
C MET A 103 -6.60 5.64 11.58
N GLU A 104 -6.67 6.85 12.16
CA GLU A 104 -7.32 7.00 13.47
C GLU A 104 -8.82 6.76 13.40
N ILE A 105 -9.45 7.13 12.28
CA ILE A 105 -10.86 6.80 12.10
C ILE A 105 -11.06 5.30 11.99
N MET A 106 -10.26 4.63 11.15
CA MET A 106 -10.40 3.19 11.00
CA MET A 106 -10.36 3.19 10.99
C MET A 106 -10.15 2.47 12.32
N SER A 107 -9.17 2.94 13.09
CA SER A 107 -8.85 2.33 14.38
C SER A 107 -10.02 2.39 15.36
N ARG A 108 -11.03 3.25 15.14
CA ARG A 108 -12.22 3.19 16.00
C ARG A 108 -13.04 1.93 15.77
N PHE A 109 -12.95 1.32 14.59
CA PHE A 109 -13.81 0.18 14.28
C PHE A 109 -13.16 -1.16 14.59
N ALA A 110 -11.85 -1.26 14.50
CA ALA A 110 -11.17 -2.53 14.69
C ALA A 110 -9.69 -2.28 14.73
N VAL A 111 -8.96 -3.32 15.12
CA VAL A 111 -7.50 -3.32 15.05
C VAL A 111 -7.06 -3.27 13.59
N ILE A 112 -6.15 -2.34 13.26
CA ILE A 112 -5.67 -2.17 11.90
C ILE A 112 -4.17 -2.48 11.83
N GLU A 113 -3.75 -2.92 10.65
CA GLU A 113 -2.34 -3.01 10.26
C GLU A 113 -2.10 -2.02 9.13
N ARG A 114 -1.36 -0.96 9.43
CA ARG A 114 -0.96 0.01 8.42
C ARG A 114 -0.08 -0.67 7.39
N ALA A 115 -0.54 -0.70 6.13
CA ALA A 115 0.20 -1.41 5.10
C ALA A 115 0.94 -0.48 4.15
N SER A 116 0.54 0.79 4.08
CA SER A 116 1.22 1.81 3.30
C SER A 116 0.78 3.16 3.83
N ILE A 117 1.26 4.24 3.19
CA ILE A 117 0.78 5.57 3.59
C ILE A 117 -0.73 5.69 3.38
N ASP A 118 -1.32 4.94 2.45
CA ASP A 118 -2.73 5.14 2.13
C ASP A 118 -3.60 3.89 2.31
N GLU A 119 -3.13 2.86 3.03
CA GLU A 119 -3.98 1.68 3.15
C GLU A 119 -3.66 0.91 4.43
N ALA A 120 -4.66 0.17 4.90
CA ALA A 120 -4.55 -0.60 6.13
C ALA A 120 -5.45 -1.82 6.05
N TYR A 121 -4.98 -2.93 6.60
CA TYR A 121 -5.84 -4.10 6.75
C TYR A 121 -6.59 -4.00 8.06
N VAL A 122 -7.77 -4.62 8.06
CA VAL A 122 -8.70 -4.61 9.18
C VAL A 122 -9.10 -6.04 9.47
N ASP A 123 -8.91 -6.48 10.72
CA ASP A 123 -9.40 -7.77 11.19
C ASP A 123 -10.79 -7.55 11.77
N LEU A 124 -11.83 -7.92 11.03
CA LEU A 124 -13.21 -7.61 11.42
C LEU A 124 -13.91 -8.78 12.10
N THR A 125 -13.19 -9.87 12.37
CA THR A 125 -13.84 -11.09 12.84
C THR A 125 -14.66 -10.85 14.10
N SER A 126 -14.05 -10.19 15.10
CA SER A 126 -14.76 -9.89 16.35
C SER A 126 -15.92 -8.94 16.11
N ALA A 127 -15.67 -7.82 15.43
CA ALA A 127 -16.74 -6.87 15.13
C ALA A 127 -17.89 -7.56 14.41
N VAL A 128 -17.59 -8.47 13.48
CA VAL A 128 -18.67 -9.18 12.78
C VAL A 128 -19.48 -10.02 13.74
N GLN A 129 -18.82 -10.78 14.61
CA GLN A 129 -19.54 -11.61 15.58
C GLN A 129 -20.44 -10.77 16.47
N GLU A 130 -19.91 -9.65 16.98
CA GLU A 130 -20.71 -8.78 17.83
C GLU A 130 -21.92 -8.26 17.07
N ARG A 131 -21.71 -7.81 15.84
CA ARG A 131 -22.80 -7.27 15.06
C ARG A 131 -23.82 -8.36 14.72
N LEU A 132 -23.38 -9.62 14.63
CA LEU A 132 -24.29 -10.72 14.34
C LEU A 132 -25.17 -11.08 15.54
N GLN A 133 -24.75 -10.77 16.77
CA GLN A 133 -25.64 -10.95 17.92
C GLN A 133 -26.73 -9.87 17.94
N LYS A 134 -26.35 -8.62 17.64
CA LYS A 134 -27.32 -7.53 17.69
C LYS A 134 -28.37 -7.68 16.58
N LEU A 135 -28.00 -8.25 15.43
CA LEU A 135 -28.97 -8.38 14.35
C LEU A 135 -30.02 -9.43 14.68
N GLN A 136 -29.62 -10.54 15.33
CA GLN A 136 -30.54 -11.61 15.73
C GLN A 136 -31.33 -12.17 14.55
N GLY A 137 -30.59 -12.66 13.55
CA GLY A 137 -31.19 -13.34 12.42
C GLY A 137 -31.98 -12.47 11.46
N GLN A 138 -32.03 -11.16 11.68
CA GLN A 138 -32.73 -10.29 10.75
C GLN A 138 -32.01 -10.27 9.40
N PRO A 139 -32.75 -10.21 8.30
CA PRO A 139 -32.10 -10.15 6.99
C PRO A 139 -31.33 -8.85 6.81
N ILE A 140 -30.25 -8.93 6.05
CA ILE A 140 -29.44 -7.76 5.75
C ILE A 140 -29.99 -7.10 4.50
N SER A 141 -30.47 -5.86 4.64
CA SER A 141 -31.07 -5.15 3.53
C SER A 141 -29.99 -4.65 2.57
N ALA A 142 -30.31 -4.64 1.27
CA ALA A 142 -29.38 -4.08 0.30
C ALA A 142 -29.10 -2.61 0.55
N ASP A 143 -29.99 -1.92 1.27
CA ASP A 143 -29.74 -0.53 1.62
C ASP A 143 -28.52 -0.39 2.53
N LEU A 144 -28.14 -1.45 3.25
CA LEU A 144 -26.94 -1.38 4.07
C LEU A 144 -25.66 -1.52 3.25
N LEU A 145 -25.76 -1.79 1.95
CA LEU A 145 -24.58 -2.08 1.13
C LEU A 145 -24.63 -1.25 -0.15
N PRO A 146 -24.71 0.08 -0.05
CA PRO A 146 -24.97 0.90 -1.24
C PRO A 146 -23.78 1.04 -2.18
N SER A 147 -22.57 0.63 -1.81
CA SER A 147 -21.42 0.74 -2.71
C SER A 147 -20.66 -0.58 -2.81
N THR A 148 -21.31 -1.70 -2.51
CA THR A 148 -20.67 -3.00 -2.44
C THR A 148 -20.94 -3.81 -3.71
N TYR A 149 -19.86 -4.37 -4.28
CA TYR A 149 -19.95 -5.35 -5.37
C TYR A 149 -19.73 -6.74 -4.82
N ILE A 150 -20.47 -7.71 -5.35
CA ILE A 150 -20.23 -9.11 -5.01
C ILE A 150 -19.52 -9.72 -6.20
N GLU A 151 -18.23 -10.02 -6.04
CA GLU A 151 -17.44 -10.56 -7.14
C GLU A 151 -18.04 -11.88 -7.63
N GLY A 152 -18.18 -11.99 -8.95
CA GLY A 152 -18.75 -13.16 -9.58
C GLY A 152 -20.22 -13.07 -9.88
N LEU A 153 -20.92 -12.10 -9.29
CA LEU A 153 -22.34 -11.91 -9.52
C LEU A 153 -22.58 -10.57 -10.21
N PRO A 154 -23.66 -10.45 -11.00
CA PRO A 154 -24.73 -11.44 -11.25
C PRO A 154 -24.31 -12.58 -12.18
N GLN A 155 -24.87 -13.77 -12.01
CA GLN A 155 -24.58 -14.90 -12.87
C GLN A 155 -25.89 -15.62 -13.20
N GLY A 156 -25.85 -16.43 -14.26
CA GLY A 156 -26.91 -17.35 -14.57
C GLY A 156 -28.03 -16.79 -15.43
N PRO A 157 -29.20 -17.45 -15.40
CA PRO A 157 -30.34 -17.01 -16.20
C PRO A 157 -31.28 -16.08 -15.44
N THR A 158 -31.69 -14.99 -16.06
CA THR A 158 -32.67 -14.06 -15.46
C THR A 158 -33.87 -13.92 -16.38
N THR A 163 -30.49 -5.19 -18.33
CA THR A 163 -29.73 -4.16 -17.62
C THR A 163 -28.38 -3.93 -18.28
N VAL A 164 -28.12 -2.69 -18.71
CA VAL A 164 -26.93 -2.38 -19.47
C VAL A 164 -26.07 -1.32 -18.81
N GLN A 165 -26.34 -1.00 -17.54
CA GLN A 165 -25.59 0.04 -16.86
C GLN A 165 -24.90 -0.50 -15.61
N LYS A 166 -23.79 0.16 -15.26
CA LYS A 166 -22.89 -0.33 -14.22
C LYS A 166 -23.62 -0.53 -12.88
N GLU A 167 -24.34 0.49 -12.42
CA GLU A 167 -24.98 0.40 -11.12
C GLU A 167 -26.10 -0.64 -11.11
N GLY A 168 -26.78 -0.83 -12.24
CA GLY A 168 -27.81 -1.85 -12.31
C GLY A 168 -27.22 -3.24 -12.16
N MET A 169 -26.14 -3.50 -12.89
CA MET A 169 -25.40 -4.75 -12.70
C MET A 169 -25.00 -4.94 -11.24
N ARG A 170 -24.43 -3.91 -10.63
CA ARG A 170 -24.02 -4.03 -9.23
C ARG A 170 -25.18 -4.49 -8.36
N LYS A 171 -26.34 -3.84 -8.52
CA LYS A 171 -27.49 -4.16 -7.67
C LYS A 171 -28.00 -5.57 -7.94
N GLN A 172 -27.98 -5.99 -9.20
CA GLN A 172 -28.50 -7.32 -9.52
C GLN A 172 -27.64 -8.40 -8.88
N GLY A 173 -26.32 -8.22 -8.92
CA GLY A 173 -25.44 -9.16 -8.24
C GLY A 173 -25.63 -9.14 -6.74
N LEU A 174 -25.86 -7.95 -6.16
CA LEU A 174 -26.10 -7.86 -4.73
C LEU A 174 -27.42 -8.55 -4.34
N PHE A 175 -28.48 -8.33 -5.11
CA PHE A 175 -29.74 -9.02 -4.81
C PHE A 175 -29.56 -10.54 -4.88
N GLN A 176 -28.93 -11.05 -5.94
CA GLN A 176 -28.70 -12.48 -6.03
C GLN A 176 -27.91 -12.98 -4.83
N TRP A 177 -26.91 -12.22 -4.40
CA TRP A 177 -26.12 -12.60 -3.22
C TRP A 177 -26.99 -12.65 -1.98
N LEU A 178 -27.76 -11.59 -1.74
CA LEU A 178 -28.56 -11.51 -0.51
C LEU A 178 -29.66 -12.57 -0.48
N ASP A 179 -30.30 -12.81 -1.63
CA ASP A 179 -31.39 -13.76 -1.67
C ASP A 179 -30.94 -15.19 -1.40
N SER A 180 -29.64 -15.48 -1.54
CA SER A 180 -29.11 -16.81 -1.28
CA SER A 180 -29.12 -16.82 -1.27
C SER A 180 -28.48 -16.93 0.10
N LEU A 181 -28.54 -15.88 0.92
CA LEU A 181 -27.86 -15.87 2.21
C LEU A 181 -28.61 -16.70 3.25
N GLN A 182 -27.90 -17.60 3.94
CA GLN A 182 -28.43 -18.32 5.10
C GLN A 182 -28.25 -17.47 6.34
N ILE A 183 -29.26 -16.63 6.62
CA ILE A 183 -29.18 -15.63 7.67
C ILE A 183 -29.41 -16.18 9.07
N ASP A 184 -29.83 -17.45 9.19
CA ASP A 184 -30.00 -18.10 10.50
C ASP A 184 -28.71 -18.73 11.02
N ASN A 185 -27.67 -18.78 10.20
CA ASN A 185 -26.45 -19.50 10.51
C ASN A 185 -25.40 -18.48 10.92
N LEU A 186 -25.29 -18.24 12.23
CA LEU A 186 -24.31 -17.30 12.78
C LEU A 186 -22.87 -17.64 12.44
N THR A 187 -22.59 -18.85 11.94
CA THR A 187 -21.23 -19.25 11.56
C THR A 187 -21.04 -19.37 10.05
N SER A 188 -22.05 -19.07 9.25
CA SER A 188 -21.88 -19.09 7.80
C SER A 188 -20.77 -18.12 7.38
N PRO A 189 -19.69 -18.59 6.76
CA PRO A 189 -18.67 -17.65 6.26
C PRO A 189 -19.24 -16.56 5.36
N ASP A 190 -20.19 -16.87 4.49
CA ASP A 190 -20.70 -15.85 3.57
C ASP A 190 -21.48 -14.76 4.31
N LEU A 191 -22.23 -15.14 5.33
CA LEU A 191 -22.94 -14.15 6.15
C LEU A 191 -21.95 -13.26 6.88
N GLN A 192 -20.91 -13.87 7.45
CA GLN A 192 -19.87 -13.10 8.14
C GLN A 192 -19.24 -12.06 7.21
N LEU A 193 -18.84 -12.47 6.01
CA LEU A 193 -18.34 -11.52 5.01
C LEU A 193 -19.33 -10.41 4.78
N THR A 194 -20.62 -10.76 4.63
CA THR A 194 -21.64 -9.76 4.34
C THR A 194 -21.72 -8.72 5.46
N VAL A 195 -21.73 -9.17 6.72
CA VAL A 195 -21.74 -8.24 7.83
C VAL A 195 -20.46 -7.43 7.86
N GLY A 196 -19.32 -8.08 7.55
CA GLY A 196 -18.09 -7.33 7.40
C GLY A 196 -18.22 -6.19 6.41
N ALA A 197 -18.89 -6.45 5.27
CA ALA A 197 -19.08 -5.42 4.26
C ALA A 197 -19.98 -4.32 4.79
N VAL A 198 -20.98 -4.66 5.60
CA VAL A 198 -21.82 -3.64 6.21
C VAL A 198 -20.98 -2.72 7.07
N ILE A 199 -20.07 -3.29 7.86
CA ILE A 199 -19.20 -2.49 8.71
C ILE A 199 -18.25 -1.64 7.87
N VAL A 200 -17.70 -2.19 6.79
CA VAL A 200 -16.77 -1.41 5.98
C VAL A 200 -17.49 -0.26 5.27
N GLU A 201 -18.75 -0.44 4.87
CA GLU A 201 -19.54 0.70 4.39
C GLU A 201 -19.58 1.80 5.45
N GLU A 202 -19.87 1.43 6.70
CA GLU A 202 -19.91 2.40 7.80
C GLU A 202 -18.55 3.06 7.98
N MET A 203 -17.47 2.25 7.96
CA MET A 203 -16.12 2.78 8.10
C MET A 203 -15.80 3.77 6.99
N ARG A 204 -16.13 3.42 5.75
CA ARG A 204 -15.82 4.31 4.62
C ARG A 204 -16.70 5.56 4.62
N ALA A 205 -17.93 5.46 5.12
CA ALA A 205 -18.75 6.67 5.28
C ALA A 205 -18.10 7.60 6.30
N ALA A 206 -17.63 7.06 7.43
CA ALA A 206 -17.00 7.87 8.46
C ALA A 206 -15.73 8.54 7.94
N ILE A 207 -14.90 7.79 7.21
CA ILE A 207 -13.70 8.39 6.62
C ILE A 207 -14.08 9.55 5.74
N GLU A 208 -15.06 9.34 4.85
CA GLU A 208 -15.44 10.39 3.93
C GLU A 208 -16.08 11.56 4.67
N ARG A 209 -16.93 11.28 5.66
CA ARG A 209 -17.55 12.35 6.42
C ARG A 209 -16.52 13.19 7.15
N GLU A 210 -15.56 12.56 7.80
CA GLU A 210 -14.66 13.25 8.72
C GLU A 210 -13.40 13.79 8.09
N THR A 211 -13.07 13.37 6.86
CA THR A 211 -11.88 13.84 6.16
C THR A 211 -12.18 14.42 4.80
N GLY A 212 -13.30 14.07 4.18
CA GLY A 212 -13.56 14.42 2.80
C GLY A 212 -12.92 13.50 1.78
N PHE A 213 -12.14 12.52 2.22
CA PHE A 213 -11.45 11.62 1.32
C PHE A 213 -12.33 10.40 1.02
N GLN A 214 -12.30 9.94 -0.24
CA GLN A 214 -12.96 8.71 -0.63
C GLN A 214 -11.94 7.58 -0.76
N CYS A 215 -12.41 6.35 -0.59
CA CYS A 215 -11.54 5.20 -0.63
C CYS A 215 -12.30 4.00 -1.18
N SER A 216 -11.57 2.95 -1.46
CA SER A 216 -12.15 1.66 -1.84
C SER A 216 -11.75 0.62 -0.81
N ALA A 217 -12.45 -0.52 -0.83
CA ALA A 217 -12.11 -1.59 0.10
C ALA A 217 -12.38 -2.93 -0.55
N GLY A 218 -11.66 -3.95 -0.09
CA GLY A 218 -12.00 -5.33 -0.36
C GLY A 218 -12.32 -6.02 0.96
N ILE A 219 -13.28 -6.93 0.92
CA ILE A 219 -13.64 -7.72 2.09
C ILE A 219 -13.56 -9.19 1.69
N SER A 220 -12.75 -9.96 2.39
CA SER A 220 -12.67 -11.37 2.11
C SER A 220 -12.22 -12.07 3.38
N HIS A 221 -11.63 -13.26 3.25
CA HIS A 221 -11.24 -14.06 4.41
C HIS A 221 -9.77 -13.93 4.77
N ASN A 222 -8.98 -13.20 3.98
CA ASN A 222 -7.57 -13.04 4.26
C ASN A 222 -7.07 -11.79 3.56
N LYS A 223 -5.83 -11.41 3.87
CA LYS A 223 -5.25 -10.16 3.38
C LYS A 223 -5.06 -10.17 1.87
N VAL A 224 -4.59 -11.29 1.32
CA VAL A 224 -4.31 -11.36 -0.12
C VAL A 224 -5.60 -11.16 -0.92
N LEU A 225 -6.68 -11.86 -0.54
CA LEU A 225 -7.94 -11.71 -1.26
C LEU A 225 -8.57 -10.34 -1.00
N ALA A 226 -8.46 -9.82 0.23
CA ALA A 226 -8.97 -8.49 0.52
C ALA A 226 -8.28 -7.44 -0.35
N LYS A 227 -6.94 -7.52 -0.45
CA LYS A 227 -6.20 -6.58 -1.28
C LYS A 227 -6.60 -6.72 -2.76
N LEU A 228 -6.70 -7.97 -3.25
CA LEU A 228 -7.16 -8.19 -4.62
C LEU A 228 -8.57 -7.65 -4.84
N ALA A 229 -9.49 -8.00 -3.95
CA ALA A 229 -10.86 -7.48 -4.02
C ALA A 229 -10.89 -5.95 -4.11
N CYS A 230 -10.09 -5.28 -3.28
CA CYS A 230 -10.13 -3.82 -3.20
C CYS A 230 -9.97 -3.18 -4.58
N GLY A 231 -9.02 -3.65 -5.37
CA GLY A 231 -8.77 -3.07 -6.67
C GLY A 231 -9.82 -3.41 -7.73
N LEU A 232 -10.67 -4.41 -7.49
CA LEU A 232 -11.60 -4.83 -8.55
C LEU A 232 -12.62 -3.74 -8.91
N ASN A 233 -12.94 -2.81 -8.01
CA ASN A 233 -13.96 -1.84 -8.39
C ASN A 233 -13.62 -0.43 -7.93
N LYS A 234 -12.32 -0.10 -7.82
CA LYS A 234 -11.89 1.28 -7.61
C LYS A 234 -12.39 2.20 -8.72
N PRO A 235 -12.71 3.47 -8.41
CA PRO A 235 -12.72 4.12 -7.09
C PRO A 235 -14.06 4.15 -6.39
N ASN A 236 -14.04 4.45 -5.08
CA ASN A 236 -15.24 4.76 -4.30
C ASN A 236 -16.25 3.60 -4.25
N ARG A 237 -15.75 2.36 -4.22
CA ARG A 237 -16.60 1.17 -4.13
C ARG A 237 -15.88 0.11 -3.32
N GLN A 238 -16.64 -0.82 -2.78
CA GLN A 238 -16.04 -1.95 -2.07
C GLN A 238 -16.50 -3.25 -2.69
N THR A 239 -15.68 -4.29 -2.57
CA THR A 239 -15.90 -5.55 -3.25
C THR A 239 -15.72 -6.68 -2.25
N LEU A 240 -16.69 -7.58 -2.21
CA LEU A 240 -16.67 -8.76 -1.36
C LEU A 240 -16.28 -9.95 -2.24
N VAL A 241 -15.19 -10.63 -1.87
CA VAL A 241 -14.72 -11.81 -2.58
C VAL A 241 -14.95 -12.98 -1.66
N SER A 242 -15.94 -13.81 -1.97
CA SER A 242 -16.21 -14.95 -1.12
C SER A 242 -15.27 -16.11 -1.45
N HIS A 243 -15.20 -17.07 -0.52
CA HIS A 243 -14.45 -18.29 -0.79
C HIS A 243 -14.95 -18.97 -2.08
N GLY A 244 -16.27 -19.01 -2.27
CA GLY A 244 -16.80 -19.69 -3.44
C GLY A 244 -16.52 -19.00 -4.75
N SER A 245 -16.21 -17.69 -4.72
CA SER A 245 -15.89 -17.00 -5.97
C SER A 245 -14.49 -17.29 -6.46
N VAL A 246 -13.64 -17.89 -5.62
CA VAL A 246 -12.21 -17.98 -5.94
C VAL A 246 -11.93 -18.80 -7.20
N PRO A 247 -12.47 -20.02 -7.36
CA PRO A 247 -12.15 -20.80 -8.58
C PRO A 247 -12.36 -20.04 -9.88
N GLN A 248 -13.53 -19.41 -10.07
CA GLN A 248 -13.72 -18.66 -11.31
C GLN A 248 -12.80 -17.45 -11.36
N LEU A 249 -12.68 -16.73 -10.24
CA LEU A 249 -11.83 -15.55 -10.20
C LEU A 249 -10.39 -15.90 -10.54
N PHE A 250 -9.86 -16.96 -9.93
CA PHE A 250 -8.48 -17.35 -10.16
C PHE A 250 -8.27 -18.02 -11.51
N SER A 251 -9.33 -18.50 -12.18
CA SER A 251 -9.14 -19.24 -13.42
C SER A 251 -8.55 -18.38 -14.53
N GLN A 252 -8.74 -17.06 -14.47
CA GLN A 252 -8.16 -16.17 -15.46
C GLN A 252 -7.32 -15.09 -14.81
N MET A 253 -6.90 -15.30 -13.56
CA MET A 253 -6.21 -14.26 -12.81
C MET A 253 -4.72 -14.42 -13.04
N PRO A 254 -4.05 -13.48 -13.71
CA PRO A 254 -2.59 -13.63 -13.92
C PRO A 254 -1.88 -13.75 -12.58
N ILE A 255 -0.88 -14.62 -12.54
CA ILE A 255 -0.17 -14.89 -11.29
C ILE A 255 0.39 -13.60 -10.68
N ARG A 256 0.87 -12.66 -11.52
CA ARG A 256 1.52 -11.45 -11.04
C ARG A 256 0.58 -10.52 -10.28
N LYS A 257 -0.73 -10.71 -10.36
CA LYS A 257 -1.65 -9.81 -9.66
C LYS A 257 -1.79 -10.12 -8.18
N ILE A 258 -1.30 -11.28 -7.75
CA ILE A 258 -1.42 -11.72 -6.36
C ILE A 258 -0.28 -11.11 -5.55
N ARG A 259 -0.60 -10.54 -4.39
CA ARG A 259 0.40 -9.86 -3.59
C ARG A 259 1.55 -10.80 -3.23
N SER A 260 2.79 -10.34 -3.44
CA SER A 260 4.09 -10.99 -3.30
C SER A 260 4.48 -11.80 -4.54
N LEU A 261 3.57 -11.97 -5.51
CA LEU A 261 3.91 -12.68 -6.74
C LEU A 261 4.21 -11.73 -7.89
N GLY A 262 4.32 -10.43 -7.61
CA GLY A 262 4.52 -9.41 -8.61
C GLY A 262 5.93 -9.29 -9.14
N GLY A 263 6.89 -10.02 -8.56
CA GLY A 263 8.27 -9.91 -8.97
C GLY A 263 8.87 -11.21 -9.43
N LYS A 264 10.07 -11.53 -8.94
CA LYS A 264 10.85 -12.64 -9.47
C LYS A 264 10.22 -13.99 -9.16
N LEU A 265 9.70 -14.16 -7.94
CA LEU A 265 9.07 -15.43 -7.58
C LEU A 265 7.89 -15.72 -8.50
N GLY A 266 7.02 -14.74 -8.70
CA GLY A 266 5.89 -14.95 -9.60
C GLY A 266 6.34 -15.27 -11.03
N ALA A 267 7.39 -14.59 -11.50
CA ALA A 267 7.91 -14.88 -12.84
C ALA A 267 8.48 -16.28 -12.91
N SER A 268 9.14 -16.74 -11.85
N SER A 268 9.14 -16.74 -11.85
CA SER A 268 9.66 -18.11 -11.86
CA SER A 268 9.66 -18.10 -11.85
C SER A 268 8.54 -19.13 -11.84
C SER A 268 8.54 -19.12 -11.85
N VAL A 269 7.45 -18.86 -11.11
CA VAL A 269 6.31 -19.76 -11.12
C VAL A 269 5.80 -19.93 -12.55
N ILE A 270 5.61 -18.80 -13.25
CA ILE A 270 5.15 -18.82 -14.63
C ILE A 270 6.12 -19.60 -15.52
N GLU A 271 7.42 -19.35 -15.36
CA GLU A 271 8.40 -19.92 -16.27
C GLU A 271 8.64 -21.40 -15.96
N ILE A 272 8.80 -21.75 -14.68
CA ILE A 272 9.12 -23.13 -14.33
C ILE A 272 7.92 -24.04 -14.57
N LEU A 273 6.72 -23.57 -14.23
CA LEU A 273 5.55 -24.45 -14.32
C LEU A 273 4.88 -24.41 -15.68
N GLY A 274 5.12 -23.37 -16.49
CA GLY A 274 4.48 -23.27 -17.78
C GLY A 274 3.05 -22.79 -17.74
N ILE A 275 2.68 -22.02 -16.72
CA ILE A 275 1.30 -21.61 -16.47
C ILE A 275 1.23 -20.08 -16.51
N GLU A 276 0.00 -19.56 -16.57
CA GLU A 276 -0.32 -18.14 -16.59
C GLU A 276 -1.17 -17.68 -15.42
N TYR A 277 -2.11 -18.50 -14.96
CA TYR A 277 -3.17 -18.05 -14.07
C TYR A 277 -3.07 -18.72 -12.71
N MET A 278 -3.55 -18.00 -11.70
CA MET A 278 -3.42 -18.46 -10.32
C MET A 278 -4.07 -19.84 -10.12
N GLY A 279 -5.22 -20.07 -10.78
CA GLY A 279 -5.96 -21.29 -10.53
C GLY A 279 -5.25 -22.52 -11.07
N GLU A 280 -4.44 -22.36 -12.10
CA GLU A 280 -3.69 -23.49 -12.63
C GLU A 280 -2.73 -24.08 -11.60
N LEU A 281 -2.40 -23.32 -10.55
CA LEU A 281 -1.53 -23.87 -9.51
C LEU A 281 -2.17 -25.04 -8.77
N THR A 282 -3.50 -25.16 -8.77
CA THR A 282 -4.14 -26.24 -8.00
C THR A 282 -3.72 -27.62 -8.47
N GLN A 283 -3.16 -27.73 -9.67
CA GLN A 283 -2.84 -29.02 -10.25
C GLN A 283 -1.59 -29.65 -9.68
N PHE A 284 -0.79 -28.91 -8.94
CA PHE A 284 0.48 -29.41 -8.40
C PHE A 284 0.31 -29.78 -6.93
N THR A 285 1.08 -30.78 -6.48
CA THR A 285 1.08 -31.12 -5.08
C THR A 285 1.88 -30.08 -4.30
N GLU A 286 1.69 -30.08 -2.98
CA GLU A 286 2.45 -29.16 -2.14
C GLU A 286 3.94 -29.47 -2.20
N SER A 287 4.29 -30.76 -2.23
CA SER A 287 5.70 -31.14 -2.36
C SER A 287 6.29 -30.67 -3.67
N GLN A 288 5.54 -30.80 -4.77
CA GLN A 288 6.04 -30.27 -6.04
C GLN A 288 6.32 -28.78 -5.92
N LEU A 289 5.37 -28.02 -5.38
CA LEU A 289 5.56 -26.57 -5.30
C LEU A 289 6.74 -26.25 -4.39
N GLN A 290 6.87 -26.96 -3.27
CA GLN A 290 8.02 -26.76 -2.40
C GLN A 290 9.32 -27.11 -3.10
N SER A 291 9.30 -28.11 -3.98
CA SER A 291 10.55 -28.51 -4.63
C SER A 291 11.07 -27.41 -5.56
N HIS A 292 10.17 -26.61 -6.13
CA HIS A 292 10.58 -25.56 -7.04
C HIS A 292 10.85 -24.24 -6.33
N PHE A 293 10.08 -23.91 -5.31
CA PHE A 293 10.07 -22.56 -4.76
C PHE A 293 10.46 -22.51 -3.28
N GLY A 294 10.87 -23.63 -2.70
CA GLY A 294 11.22 -23.67 -1.30
C GLY A 294 10.04 -24.04 -0.42
N GLU A 295 10.36 -24.48 0.80
CA GLU A 295 9.35 -25.04 1.69
C GLU A 295 8.24 -24.03 2.00
N LYS A 296 8.61 -22.80 2.39
CA LYS A 296 7.59 -21.84 2.78
C LYS A 296 6.78 -21.38 1.59
N ASN A 297 7.45 -20.99 0.50
CA ASN A 297 6.72 -20.50 -0.68
C ASN A 297 5.82 -21.59 -1.25
N GLY A 298 6.32 -22.83 -1.33
CA GLY A 298 5.51 -23.92 -1.85
C GLY A 298 4.25 -24.14 -1.04
N SER A 299 4.39 -24.19 0.30
CA SER A 299 3.21 -24.31 1.14
C SER A 299 2.29 -23.11 0.94
N TRP A 300 2.85 -21.90 0.89
CA TRP A 300 2.03 -20.71 0.72
C TRP A 300 1.28 -20.74 -0.60
N LEU A 301 1.96 -21.16 -1.68
CA LEU A 301 1.31 -21.22 -2.99
C LEU A 301 0.21 -22.27 -3.01
N TYR A 302 0.48 -23.45 -2.44
CA TYR A 302 -0.51 -24.52 -2.43
C TYR A 302 -1.83 -24.05 -1.83
N ALA A 303 -1.76 -23.38 -0.67
CA ALA A 303 -2.96 -22.88 -0.03
C ALA A 303 -3.55 -21.66 -0.77
N MET A 304 -2.69 -20.74 -1.21
CA MET A 304 -3.19 -19.48 -1.78
C MET A 304 -3.98 -19.69 -3.05
N CYS A 305 -3.57 -20.65 -3.89
CA CYS A 305 -4.31 -20.86 -5.12
C CYS A 305 -5.69 -21.48 -4.86
N ARG A 306 -5.92 -21.95 -3.64
CA ARG A 306 -7.24 -22.36 -3.19
C ARG A 306 -7.94 -21.25 -2.41
N GLY A 307 -7.36 -20.06 -2.35
CA GLY A 307 -7.97 -18.95 -1.65
C GLY A 307 -7.71 -18.93 -0.16
N ILE A 308 -6.72 -19.69 0.30
CA ILE A 308 -6.44 -19.88 1.72
C ILE A 308 -5.11 -19.24 2.03
N GLU A 309 -5.07 -18.38 3.04
CA GLU A 309 -3.90 -17.62 3.43
C GLU A 309 -4.07 -17.26 4.90
N HIS A 310 -3.01 -17.39 5.70
CA HIS A 310 -3.18 -17.25 7.14
C HIS A 310 -2.37 -16.10 7.74
N ASP A 311 -1.79 -15.22 6.92
CA ASP A 311 -1.00 -14.10 7.44
C ASP A 311 -1.88 -13.24 8.32
N PRO A 312 -1.54 -13.03 9.59
CA PRO A 312 -2.41 -12.26 10.47
C PRO A 312 -2.34 -10.77 10.19
N VAL A 313 -3.46 -10.11 10.46
CA VAL A 313 -3.48 -8.64 10.56
C VAL A 313 -2.70 -8.26 11.80
N LYS A 314 -1.50 -7.73 11.61
CA LYS A 314 -0.66 -7.40 12.76
C LYS A 314 -1.20 -6.13 13.43
N PRO A 315 -1.27 -6.11 14.76
CA PRO A 315 -1.73 -4.89 15.43
C PRO A 315 -0.63 -3.83 15.42
N ARG A 316 -0.60 -3.01 14.37
CA ARG A 316 0.48 -2.04 14.21
C ARG A 316 -0.02 -0.93 13.30
N GLN A 317 -0.29 0.24 13.88
CA GLN A 317 -0.82 1.40 13.17
C GLN A 317 0.24 2.42 12.80
N LEU A 318 1.38 2.42 13.48
CA LEU A 318 2.56 3.26 13.36
C LEU A 318 3.67 2.54 12.58
N PRO A 319 4.37 3.23 11.69
CA PRO A 319 5.57 2.62 11.09
C PRO A 319 6.57 2.25 12.18
N LYS A 320 7.42 1.26 11.88
CA LYS A 320 8.48 0.85 12.79
C LYS A 320 9.86 1.33 12.38
N THR A 321 9.97 2.05 11.26
CA THR A 321 11.16 2.78 10.91
C THR A 321 10.74 4.16 10.45
N ILE A 322 11.66 5.11 10.58
CA ILE A 322 11.45 6.48 10.14
C ILE A 322 12.68 6.88 9.31
N GLY A 323 12.45 7.21 8.06
CA GLY A 323 13.54 7.31 7.11
C GLY A 323 13.38 8.47 6.15
N CYS A 324 14.52 8.96 5.69
CA CYS A 324 14.63 10.05 4.72
CA CYS A 324 14.65 10.05 4.74
C CYS A 324 15.57 9.60 3.61
N SER A 325 15.21 9.91 2.37
CA SER A 325 16.04 9.44 1.26
CA SER A 325 16.00 9.42 1.24
C SER A 325 15.92 10.40 0.07
N LYS A 326 16.99 10.44 -0.72
CA LYS A 326 16.99 11.26 -1.92
C LYS A 326 17.91 10.66 -2.97
N ASN A 327 17.40 10.54 -4.20
CA ASN A 327 18.20 10.13 -5.34
C ASN A 327 18.85 11.34 -6.00
N PHE A 328 19.99 11.07 -6.65
CA PHE A 328 20.83 12.10 -7.26
C PHE A 328 21.17 11.61 -8.65
N PRO A 329 20.23 11.67 -9.58
CA PRO A 329 20.39 10.98 -10.86
C PRO A 329 21.31 11.72 -11.82
N GLY A 330 21.88 10.94 -12.73
CA GLY A 330 22.61 11.51 -13.86
C GLY A 330 23.76 12.39 -13.42
N LYS A 331 23.81 13.60 -14.00
CA LYS A 331 24.87 14.56 -13.75
C LYS A 331 24.81 15.14 -12.36
N THR A 332 23.74 14.92 -11.60
CA THR A 332 23.66 15.46 -10.26
C THR A 332 24.23 14.52 -9.19
N ALA A 333 24.78 13.37 -9.58
CA ALA A 333 25.33 12.45 -8.60
C ALA A 333 26.40 13.13 -7.78
N LEU A 334 26.46 12.81 -6.48
CA LEU A 334 27.35 13.53 -5.58
C LEU A 334 28.80 13.09 -5.81
N ALA A 335 29.66 14.06 -6.11
CA ALA A 335 31.02 13.77 -6.55
C ALA A 335 32.08 14.45 -5.71
N THR A 336 31.71 15.19 -4.67
CA THR A 336 32.66 15.79 -3.76
C THR A 336 32.27 15.47 -2.32
N ARG A 337 33.28 15.37 -1.46
CA ARG A 337 33.05 15.12 -0.05
C ARG A 337 32.09 16.13 0.56
N GLU A 338 32.28 17.41 0.23
CA GLU A 338 31.44 18.47 0.80
C GLU A 338 29.98 18.31 0.39
N GLN A 339 29.74 17.88 -0.85
CA GLN A 339 28.39 17.62 -1.33
C GLN A 339 27.74 16.50 -0.53
N VAL A 340 28.46 15.39 -0.37
CA VAL A 340 27.94 14.27 0.43
C VAL A 340 27.60 14.72 1.84
N GLN A 341 28.48 15.52 2.46
CA GLN A 341 28.24 15.93 3.84
C GLN A 341 27.09 16.90 3.95
N TRP A 342 26.91 17.78 2.96
CA TRP A 342 25.79 18.70 2.98
C TRP A 342 24.45 17.98 2.86
N TRP A 343 24.35 16.99 1.96
CA TRP A 343 23.07 16.30 1.79
C TRP A 343 22.76 15.38 2.96
N LEU A 344 23.80 14.72 3.53
CA LEU A 344 23.58 13.97 4.76
C LEU A 344 23.00 14.86 5.84
N LEU A 345 23.47 16.11 5.90
CA LEU A 345 22.92 17.06 6.87
C LEU A 345 21.46 17.39 6.57
N GLN A 346 21.13 17.67 5.30
CA GLN A 346 19.74 17.96 4.97
C GLN A 346 18.84 16.79 5.37
N LEU A 347 19.23 15.57 4.99
CA LEU A 347 18.47 14.39 5.39
C LEU A 347 18.37 14.26 6.90
N ALA A 348 19.50 14.47 7.60
CA ALA A 348 19.52 14.32 9.05
C ALA A 348 18.61 15.34 9.73
N GLN A 349 18.51 16.55 9.16
CA GLN A 349 17.69 17.59 9.76
C GLN A 349 16.21 17.29 9.59
N GLU A 350 15.80 16.73 8.45
CA GLU A 350 14.40 16.33 8.33
C GLU A 350 14.11 15.14 9.23
N LEU A 351 15.06 14.19 9.31
CA LEU A 351 14.88 13.02 10.16
C LEU A 351 14.74 13.41 11.62
N GLU A 352 15.59 14.33 12.09
CA GLU A 352 15.49 14.80 13.47
C GLU A 352 14.11 15.38 13.75
N GLU A 353 13.59 16.17 12.81
CA GLU A 353 12.27 16.76 12.98
C GLU A 353 11.20 15.69 13.10
N ARG A 354 11.25 14.68 12.22
CA ARG A 354 10.25 13.61 12.29
C ARG A 354 10.44 12.78 13.55
N LEU A 355 11.70 12.51 13.93
CA LEU A 355 11.95 11.71 15.13
C LEU A 355 11.44 12.42 16.39
N THR A 356 11.74 13.72 16.52
CA THR A 356 11.30 14.47 17.69
C THR A 356 9.79 14.49 17.77
N LYS A 357 9.11 14.69 16.63
CA LYS A 357 7.66 14.59 16.63
C LYS A 357 7.22 13.18 17.04
N ASP A 358 7.90 12.16 16.51
CA ASP A 358 7.52 10.78 16.81
C ASP A 358 7.63 10.47 18.30
N ARG A 359 8.67 11.01 18.94
CA ARG A 359 8.88 10.72 20.36
C ARG A 359 7.80 11.36 21.24
N ASN A 360 7.40 12.60 20.94
CA ASN A 360 6.33 13.21 21.73
C ASN A 360 4.99 12.55 21.45
N ASP A 361 4.74 12.16 20.19
CA ASP A 361 3.44 11.63 19.80
C ASP A 361 3.24 10.21 20.29
N ASN A 362 4.26 9.37 20.14
CA ASN A 362 4.09 7.92 20.25
C ASN A 362 4.97 7.31 21.32
N ASP A 363 5.58 8.12 22.19
CA ASP A 363 6.28 7.64 23.38
C ASP A 363 7.26 6.51 23.05
N ARG A 364 8.18 6.80 22.14
CA ARG A 364 9.23 5.85 21.79
C ARG A 364 10.43 6.63 21.25
N VAL A 365 11.58 5.94 21.23
CA VAL A 365 12.84 6.50 20.75
C VAL A 365 13.53 5.46 19.88
N ALA A 366 14.06 5.90 18.74
CA ALA A 366 14.88 5.03 17.91
C ALA A 366 16.29 4.87 18.50
N THR A 367 16.88 3.70 18.27
CA THR A 367 18.18 3.43 18.84
C THR A 367 19.25 3.08 17.81
N GLN A 368 18.88 2.87 16.55
CA GLN A 368 19.84 2.54 15.51
C GLN A 368 19.60 3.43 14.30
N LEU A 369 20.68 3.87 13.68
CA LEU A 369 20.64 4.65 12.45
C LEU A 369 21.22 3.79 11.34
N VAL A 370 20.44 3.55 10.30
CA VAL A 370 20.90 2.79 9.15
C VAL A 370 21.18 3.76 8.02
N VAL A 371 22.39 3.69 7.47
CA VAL A 371 22.84 4.56 6.40
C VAL A 371 22.98 3.70 5.16
N SER A 372 22.26 4.06 4.11
CA SER A 372 22.28 3.36 2.83
C SER A 372 22.67 4.34 1.73
N ILE A 373 23.53 3.90 0.81
CA ILE A 373 23.94 4.68 -0.34
C ILE A 373 23.85 3.83 -1.59
N ARG A 374 23.73 4.51 -2.74
CA ARG A 374 23.83 3.89 -4.05
C ARG A 374 24.92 4.59 -4.86
N VAL A 375 25.81 3.77 -5.48
CA VAL A 375 26.91 4.26 -6.30
C VAL A 375 26.46 4.28 -7.76
N GLN A 376 27.00 5.23 -8.52
CA GLN A 376 26.62 5.36 -9.93
C GLN A 376 26.95 4.08 -10.69
N GLY A 377 25.98 3.59 -11.47
CA GLY A 377 26.13 2.38 -12.25
C GLY A 377 25.51 1.14 -11.64
N ASP A 378 25.25 1.15 -10.35
CA ASP A 378 24.71 -0.02 -9.66
C ASP A 378 23.18 -0.01 -9.77
N LYS A 379 22.62 -1.08 -10.35
CA LYS A 379 21.18 -1.16 -10.58
C LYS A 379 20.37 -1.50 -9.34
N ARG A 380 21.04 -1.83 -8.23
CA ARG A 380 20.33 -2.13 -6.99
C ARG A 380 19.87 -0.85 -6.32
N LEU A 381 18.79 -0.94 -5.55
CA LEU A 381 18.34 0.21 -4.77
C LEU A 381 19.46 0.69 -3.85
N SER A 382 20.09 -0.23 -3.14
CA SER A 382 21.16 0.08 -2.21
C SER A 382 22.41 -0.66 -2.63
N SER A 383 23.52 0.10 -2.72
CA SER A 383 24.84 -0.48 -2.95
C SER A 383 25.51 -0.89 -1.66
N LEU A 384 25.19 -0.22 -0.56
CA LEU A 384 25.90 -0.41 0.70
C LEU A 384 25.03 0.08 1.86
N ARG A 385 24.97 -0.72 2.92
CA ARG A 385 24.23 -0.38 4.13
C ARG A 385 25.14 -0.58 5.33
N ARG A 386 25.23 0.46 6.16
CA ARG A 386 25.95 0.37 7.42
C ARG A 386 25.08 1.01 8.49
N CYS A 387 25.33 0.65 9.75
CA CYS A 387 24.54 1.14 10.85
C CYS A 387 25.46 1.69 11.94
N CYS A 388 24.88 2.53 12.80
CA CYS A 388 25.58 2.98 13.99
C CYS A 388 24.53 3.23 15.07
N ALA A 389 25.01 3.53 16.27
CA ALA A 389 24.11 3.81 17.37
C ALA A 389 23.46 5.17 17.19
N LEU A 390 22.15 5.23 17.41
CA LEU A 390 21.41 6.48 17.45
C LEU A 390 21.10 6.78 18.92
N THR A 391 21.87 7.70 19.51
CA THR A 391 21.76 8.04 20.92
C THR A 391 21.13 9.40 21.17
N ARG A 392 21.23 10.33 20.22
CA ARG A 392 20.70 11.68 20.40
C ARG A 392 20.02 12.10 19.10
N TYR A 393 18.83 12.67 19.25
CA TYR A 393 18.07 13.25 18.13
C TYR A 393 18.67 14.60 17.80
N ASP A 394 19.84 14.56 17.17
CA ASP A 394 20.61 15.74 16.85
C ASP A 394 21.11 15.59 15.43
N ALA A 395 20.68 16.49 14.54
CA ALA A 395 20.93 16.30 13.11
C ALA A 395 22.41 16.32 12.79
N HIS A 396 23.18 17.21 13.41
CA HIS A 396 24.60 17.30 13.11
C HIS A 396 25.33 16.04 13.56
N LYS A 397 24.97 15.51 14.73
CA LYS A 397 25.58 14.24 15.15
C LYS A 397 25.20 13.11 14.21
N MET A 398 23.92 13.03 13.82
CA MET A 398 23.50 11.93 12.97
C MET A 398 24.18 11.97 11.61
N SER A 399 24.24 13.17 11.00
CA SER A 399 24.86 13.27 9.67
C SER A 399 26.35 12.99 9.75
N HIS A 400 26.99 13.40 10.85
CA HIS A 400 28.43 13.15 11.00
C HIS A 400 28.72 11.67 11.20
N ASP A 401 27.91 11.00 12.04
CA ASP A 401 28.05 9.55 12.21
C ASP A 401 27.80 8.81 10.90
N ALA A 402 26.82 9.28 10.12
CA ALA A 402 26.53 8.63 8.84
C ALA A 402 27.70 8.77 7.89
N PHE A 403 28.31 9.95 7.83
CA PHE A 403 29.50 10.08 7.00
C PHE A 403 30.60 9.16 7.48
N THR A 404 30.82 9.11 8.79
CA THR A 404 31.83 8.22 9.36
C THR A 404 31.67 6.79 8.88
N VAL A 405 30.44 6.26 8.88
CA VAL A 405 30.31 4.84 8.56
C VAL A 405 30.35 4.55 7.07
N ILE A 406 30.15 5.54 6.20
CA ILE A 406 30.24 5.31 4.76
C ILE A 406 31.53 5.83 4.14
N LYS A 407 32.32 6.62 4.88
CA LYS A 407 33.38 7.39 4.25
C LYS A 407 34.45 6.50 3.60
N ASN A 408 34.62 5.27 4.10
CA ASN A 408 35.59 4.36 3.52
C ASN A 408 35.17 3.83 2.15
N CYS A 409 33.90 3.99 1.78
CA CYS A 409 33.45 3.60 0.45
CA CYS A 409 33.44 3.60 0.45
C CYS A 409 33.99 4.50 -0.65
N ASN A 410 34.61 5.63 -0.27
CA ASN A 410 35.16 6.59 -1.22
C ASN A 410 36.48 6.04 -1.75
N THR A 411 36.52 5.64 -3.02
CA THR A 411 37.74 5.13 -3.63
C THR A 411 38.62 6.24 -4.21
N SER A 412 38.30 7.50 -3.95
CA SER A 412 39.08 8.59 -4.52
C SER A 412 40.36 8.83 -3.73
N GLY A 413 41.48 8.92 -4.44
CA GLY A 413 42.72 9.32 -3.80
C GLY A 413 42.79 10.79 -3.44
N ILE A 414 41.86 11.59 -3.93
CA ILE A 414 41.80 13.01 -3.63
C ILE A 414 40.83 13.23 -2.48
N GLN A 415 41.21 14.11 -1.55
CA GLN A 415 40.41 14.32 -0.34
C GLN A 415 39.06 14.94 -0.65
N THR A 416 39.06 16.04 -1.42
CA THR A 416 37.84 16.77 -1.73
C THR A 416 36.87 15.98 -2.58
N GLU A 417 37.32 14.94 -3.26
CA GLU A 417 36.55 14.25 -4.26
C GLU A 417 35.94 12.97 -3.70
N TRP A 418 34.75 12.63 -4.18
CA TRP A 418 34.08 11.38 -3.87
C TRP A 418 33.97 10.54 -5.14
N SER A 419 34.44 9.30 -5.07
CA SER A 419 34.35 8.41 -6.20
C SER A 419 34.15 7.00 -5.66
N PRO A 420 33.27 6.20 -6.28
CA PRO A 420 32.39 6.53 -7.41
C PRO A 420 31.27 7.46 -6.96
N PRO A 421 30.75 8.33 -7.84
CA PRO A 421 29.72 9.27 -7.39
C PRO A 421 28.49 8.57 -6.84
N LEU A 422 27.87 9.20 -5.83
CA LEU A 422 26.72 8.64 -5.15
C LEU A 422 25.42 9.07 -5.83
N THR A 423 24.57 8.10 -6.18
CA THR A 423 23.26 8.38 -6.77
C THR A 423 22.10 8.24 -5.77
N MET A 424 22.37 7.96 -4.51
CA MET A 424 21.31 7.93 -3.50
CA MET A 424 21.31 7.96 -3.50
C MET A 424 21.94 7.98 -2.12
N LEU A 425 21.33 8.77 -1.22
CA LEU A 425 21.60 8.79 0.21
C LEU A 425 20.30 8.47 0.91
N PHE A 426 20.37 7.73 2.02
CA PHE A 426 19.18 7.21 2.69
C PHE A 426 19.53 7.03 4.16
N LEU A 427 18.84 7.76 5.04
CA LEU A 427 18.99 7.61 6.49
C LEU A 427 17.71 7.08 7.08
N CYS A 428 17.80 5.99 7.84
CA CYS A 428 16.64 5.32 8.42
C CYS A 428 16.87 5.07 9.90
N ALA A 429 16.01 5.63 10.76
CA ALA A 429 16.06 5.35 12.18
C ALA A 429 15.19 4.13 12.50
N THR A 430 15.73 3.19 13.27
CA THR A 430 15.09 1.89 13.49
C THR A 430 15.31 1.48 14.95
N LYS A 431 14.83 0.28 15.27
CA LYS A 431 14.93 -0.34 16.58
C LYS A 431 14.41 0.59 17.68
N PHE A 432 13.12 0.87 17.60
CA PHE A 432 12.45 1.69 18.60
C PHE A 432 12.27 0.93 19.90
N SER A 433 12.44 1.65 21.02
CA SER A 433 12.01 1.16 22.32
C SER A 433 11.17 2.22 23.00
N ALA A 434 10.34 1.77 23.96
CA ALA A 434 9.36 2.64 24.59
C ALA A 434 10.05 3.75 25.38
N SER A 435 9.39 4.90 25.43
CA SER A 435 9.98 6.06 26.08
C SER A 435 8.93 6.87 26.81
P TFT B 4 14.85 9.59 -9.78
OP1 TFT B 4 15.55 10.92 -9.87
OP2 TFT B 4 15.91 8.51 -9.89
O3T TFT B 4 14.09 9.42 -8.32
N1 TFT B 4 10.93 8.47 -6.84
C6 TFT B 4 11.62 7.49 -7.41
C2 TFT B 4 9.73 8.28 -6.32
O2 TFT B 4 9.12 9.18 -5.85
N3 TFT B 4 9.22 7.07 -6.29
C4 TFT B 4 9.82 6.02 -6.80
O4 TFT B 4 9.30 4.96 -6.75
C5 TFT B 4 11.07 6.21 -7.38
C5M TFT B 4 11.82 5.00 -7.98
C2T TFT B 4 12.93 10.26 -6.55
C4T TFT B 4 12.28 11.13 -8.56
O4T TFT B 4 11.14 10.19 -8.16
C1T TFT B 4 11.35 9.83 -6.90
C3T TFT B 4 13.47 10.60 -7.64
O2T TFT B 4 12.76 11.45 -5.72
N1 DZ4 D . 6.57 6.67 -5.25
C2 DZ4 D . 6.20 7.75 -4.53
N3 DZ4 D . 4.91 7.82 -4.03
C4 DZ4 D . 4.05 6.81 -4.27
C5 DZ4 D . 4.43 5.74 -4.99
C6 DZ4 D . 5.71 5.67 -5.48
N6 DZ4 D . 6.41 4.66 -6.25
N7 DZ4 D . 3.40 4.89 -5.10
C8 DZ4 D . 2.36 5.42 -4.44
N9 DZ4 D . 2.73 6.61 -3.94
PA DZ4 D . -1.53 3.98 -4.31
PB DZ4 D . -3.35 6.04 -5.33
PG DZ4 D . -5.53 4.43 -6.25
C1' DZ4 D . 2.10 7.54 -3.21
O1A DZ4 D . -2.63 3.51 -3.41
O1B DZ4 D . -3.85 6.00 -3.91
O1G DZ4 D . -6.97 4.93 -6.31
C2' DZ4 D . 1.09 8.39 -3.99
O2A DZ4 D . -0.73 2.85 -4.89
O2B DZ4 D . -2.83 7.37 -5.72
O2G DZ4 D . -5.17 3.67 -7.46
C3' DZ4 D . -0.06 7.72 -3.89
O3' DZ4 D . -1.24 8.58 -4.00
N3A DZ4 D . -2.11 4.84 -5.62
O3B DZ4 D . -4.57 5.76 -6.33
O3G DZ4 D . -5.26 3.72 -4.99
C4' DZ4 D . -0.01 7.08 -2.41
O4' DZ4 D . 1.24 6.73 -2.20
C5' DZ4 D . -0.94 5.87 -2.40
O5' DZ4 D . -0.52 5.03 -3.47
MG MG E . -4.69 4.29 -3.14
MG MG F . -2.29 2.06 -1.80
C1 GOL G . -9.11 -23.26 -12.69
O1 GOL G . -7.74 -23.02 -12.85
C2 GOL G . -9.58 -22.69 -11.27
O2 GOL G . -9.17 -21.40 -11.07
C3 GOL G . -9.02 -23.69 -10.17
O3 GOL G . -9.96 -23.72 -9.08
#